data_6FJQ
#
_entry.id   6FJQ
#
_cell.length_a   145.205
_cell.length_b   145.205
_cell.length_c   145.205
_cell.angle_alpha   90.00
_cell.angle_beta   90.00
_cell.angle_gamma   90.00
#
_symmetry.space_group_name_H-M   'P 43 3 2'
#
loop_
_entity.id
_entity.type
_entity.pdbx_description
1 polymer Fiber
2 non-polymer 1,2-ETHANEDIOL
3 non-polymer GLYCEROL
4 non-polymer 'SULFATE ION'
5 water water
#
_entity_poly.entity_id   1
_entity_poly.type   'polypeptide(L)'
_entity_poly.pdbx_seq_one_letter_code
;DKLTLWTTPDPSPNCKIDQDKDSKLTFVLTKCGSQILANMSLLVVKGKFSMINNKVNGTDDYKKFTIKLLFDEKGVLLKD
SSLDKEYWNYRSNNNNVGSAYEEAVGFMPSTTAYPKPPTPPTNPTTPLEKSQAKNKYVSNVYLGGQAGNPVATTVSFNKE
TGCTYSITFDFAWNKTYENVQFDSSFLTFSYIAQE
;
_entity_poly.pdbx_strand_id   A,B
#
# COMPACT_ATOMS: atom_id res chain seq x y z
N ASP A 1 -42.51 28.48 5.83
CA ASP A 1 -41.46 27.58 6.44
C ASP A 1 -40.09 27.78 5.74
N LYS A 2 -39.15 26.84 5.92
CA LYS A 2 -38.03 26.67 4.94
C LYS A 2 -37.86 25.19 4.59
N LEU A 3 -37.54 25.00 3.31
CA LEU A 3 -37.40 23.70 2.69
C LEU A 3 -35.94 23.24 2.55
N THR A 4 -34.95 23.98 3.05
CA THR A 4 -33.53 23.65 2.84
C THR A 4 -32.86 23.84 4.20
N LEU A 5 -32.23 22.79 4.69
CA LEU A 5 -31.63 22.77 6.02
C LEU A 5 -30.22 22.39 5.73
N TRP A 6 -29.27 23.20 6.14
CA TRP A 6 -27.91 23.08 5.65
C TRP A 6 -26.82 23.57 6.61
N THR A 7 -25.61 23.55 6.11
CA THR A 7 -24.45 23.94 6.80
C THR A 7 -24.25 25.43 6.42
N THR A 8 -24.57 26.34 7.35
CA THR A 8 -24.56 27.80 7.04
C THR A 8 -23.19 28.15 6.46
N PRO A 9 -23.15 28.92 5.38
CA PRO A 9 -21.88 29.39 4.80
C PRO A 9 -21.12 30.29 5.73
N ASP A 10 -19.98 29.81 6.23
CA ASP A 10 -19.03 30.56 7.07
C ASP A 10 -17.65 30.16 6.55
N PRO A 11 -16.66 31.09 6.53
CA PRO A 11 -15.32 30.61 6.07
C PRO A 11 -14.68 29.57 7.06
N SER A 12 -15.19 29.57 8.31
CA SER A 12 -14.71 28.74 9.37
C SER A 12 -14.97 27.26 9.20
N PRO A 13 -14.07 26.43 9.73
CA PRO A 13 -14.35 25.02 9.90
C PRO A 13 -15.44 24.75 10.93
N ASN A 14 -16.12 23.63 10.78
CA ASN A 14 -17.34 23.35 11.56
C ASN A 14 -17.51 21.89 12.02
N CYS A 15 -16.46 21.09 11.90
CA CYS A 15 -16.59 19.65 12.08
C CYS A 15 -15.37 19.05 12.80
N LYS A 16 -15.62 17.94 13.51
CA LYS A 16 -14.56 17.24 14.23
C LYS A 16 -14.62 15.77 13.89
N ILE A 17 -13.53 15.35 13.24
CA ILE A 17 -13.16 13.98 13.10
C ILE A 17 -12.46 13.50 14.37
N ASP A 18 -11.17 13.83 14.60
CA ASP A 18 -10.48 13.55 15.87
C ASP A 18 -10.31 14.74 16.80
N GLN A 19 -10.09 15.93 16.26
CA GLN A 19 -9.94 17.14 17.09
C GLN A 19 -10.87 18.28 16.65
N ASP A 20 -11.27 19.18 17.59
CA ASP A 20 -12.18 20.29 17.29
C ASP A 20 -11.70 21.12 16.09
N LYS A 21 -12.63 21.48 15.21
CA LYS A 21 -12.34 22.14 13.94
C LYS A 21 -11.23 21.57 13.08
N ASP A 22 -11.11 20.25 13.07
CA ASP A 22 -10.44 19.41 12.03
C ASP A 22 -10.74 19.71 10.62
N SER A 23 -12.04 19.94 10.37
CA SER A 23 -12.70 19.73 9.08
C SER A 23 -13.79 20.76 8.83
N LYS A 24 -14.07 21.03 7.55
CA LYS A 24 -15.14 21.95 7.07
C LYS A 24 -16.07 21.09 6.17
N LEU A 25 -17.14 20.60 6.78
CA LEU A 25 -18.18 19.81 6.13
C LEU A 25 -19.19 20.75 5.49
N THR A 26 -19.45 20.54 4.18
CA THR A 26 -20.57 21.17 3.46
C THR A 26 -21.64 20.08 3.33
N PHE A 27 -22.87 20.38 3.75
CA PHE A 27 -23.96 19.44 3.74
C PHE A 27 -25.31 20.15 3.64
N VAL A 28 -26.05 19.83 2.57
CA VAL A 28 -27.30 20.51 2.20
C VAL A 28 -28.44 19.51 1.99
N LEU A 29 -29.52 19.68 2.77
CA LEU A 29 -30.71 18.85 2.69
C LEU A 29 -31.81 19.69 2.17
N THR A 30 -32.42 19.27 1.07
CA THR A 30 -33.54 20.00 0.49
C THR A 30 -34.70 19.05 0.39
N LYS A 31 -35.87 19.44 0.84
CA LYS A 31 -36.98 18.52 1.07
C LYS A 31 -37.85 18.53 -0.14
N CYS A 32 -38.07 17.37 -0.78
CA CYS A 32 -39.13 17.25 -1.81
C CYS A 32 -40.23 16.31 -1.36
N GLY A 33 -41.00 16.77 -0.41
CA GLY A 33 -42.00 15.97 0.20
C GLY A 33 -41.40 14.74 0.81
N SER A 34 -41.63 13.62 0.14
CA SER A 34 -41.30 12.35 0.75
C SER A 34 -39.85 12.04 0.66
N GLN A 35 -39.13 12.65 -0.28
CA GLN A 35 -37.69 12.50 -0.31
C GLN A 35 -36.90 13.75 0.00
N ILE A 36 -35.88 13.53 0.84
CA ILE A 36 -34.90 14.54 1.12
C ILE A 36 -33.82 14.37 0.12
N LEU A 37 -33.39 15.50 -0.39
CA LEU A 37 -32.40 15.62 -1.42
C LEU A 37 -31.09 16.14 -0.78
N ALA A 38 -30.08 15.26 -0.71
CA ALA A 38 -28.80 15.55 -0.04
C ALA A 38 -27.63 15.87 -1.02
N ASN A 39 -26.69 16.75 -0.57
CA ASN A 39 -25.46 17.11 -1.31
C ASN A 39 -24.35 17.28 -0.31
N MET A 40 -23.21 16.58 -0.44
CA MET A 40 -22.11 16.82 0.51
C MET A 40 -20.64 16.80 0.03
N SER A 41 -19.84 17.73 0.56
CA SER A 41 -18.43 17.97 0.23
C SER A 41 -17.72 17.81 1.60
N LEU A 42 -16.41 17.51 1.63
CA LEU A 42 -15.63 17.53 2.88
C LEU A 42 -14.20 17.97 2.68
N LEU A 43 -13.79 18.97 3.46
CA LEU A 43 -12.40 19.42 3.47
C LEU A 43 -11.88 19.25 4.87
N VAL A 44 -10.78 18.51 5.03
CA VAL A 44 -10.17 18.36 6.35
C VAL A 44 -8.87 19.15 6.29
N VAL A 45 -8.74 20.05 7.26
CA VAL A 45 -7.78 21.16 7.17
C VAL A 45 -6.59 21.02 8.11
N LYS A 46 -6.76 20.25 9.17
CA LYS A 46 -5.64 19.77 9.95
C LYS A 46 -5.96 18.33 10.41
N GLY A 47 -5.12 17.75 11.28
CA GLY A 47 -5.31 16.38 11.72
C GLY A 47 -4.71 15.37 10.74
N LYS A 48 -5.15 14.12 10.85
CA LYS A 48 -4.49 13.01 10.13
C LYS A 48 -4.78 13.07 8.65
N PHE A 49 -5.91 13.69 8.25
CA PHE A 49 -6.32 13.59 6.86
C PHE A 49 -6.22 14.85 6.02
N SER A 50 -5.76 15.95 6.60
CA SER A 50 -5.17 17.08 5.85
C SER A 50 -3.97 16.44 5.40
N MET A 51 -3.51 16.70 4.21
CA MET A 51 -2.29 15.86 3.76
C MET A 51 -2.05 14.33 4.14
N ILE A 52 -2.77 13.39 3.55
CA ILE A 52 -2.62 11.97 3.79
C ILE A 52 -1.29 11.43 3.20
N ASN A 53 -0.53 10.70 4.00
CA ASN A 53 0.58 9.94 3.45
C ASN A 53 0.63 8.53 4.03
N ASN A 54 0.21 7.54 3.25
CA ASN A 54 0.11 6.18 3.74
C ASN A 54 1.42 5.34 3.53
N LYS A 55 2.39 5.91 2.80
CA LYS A 55 3.74 5.35 2.81
C LYS A 55 4.32 5.53 4.17
N VAL A 56 3.94 6.61 4.83
CA VAL A 56 4.45 6.96 6.19
C VAL A 56 3.61 6.32 7.29
N ASN A 57 2.30 6.48 7.19
CA ASN A 57 1.35 5.97 8.16
C ASN A 57 0.42 5.05 7.37
N GLY A 58 0.70 3.75 7.39
CA GLY A 58 0.00 2.76 6.56
C GLY A 58 -0.98 1.83 7.28
N THR A 59 -1.19 2.08 8.56
CA THR A 59 -2.02 1.20 9.36
C THR A 59 -3.49 1.52 9.09
N ASP A 60 -4.35 0.56 9.37
CA ASP A 60 -5.75 0.64 8.96
C ASP A 60 -6.44 1.90 9.41
N ASP A 61 -6.11 2.31 10.64
CA ASP A 61 -6.61 3.55 11.26
C ASP A 61 -6.21 4.84 10.55
N TYR A 62 -5.29 4.82 9.59
CA TYR A 62 -4.94 5.99 8.77
C TYR A 62 -5.53 5.99 7.38
N LYS A 63 -6.35 4.97 7.12
CA LYS A 63 -7.10 4.84 5.85
C LYS A 63 -8.64 4.73 5.99
N LYS A 64 -9.20 5.10 7.13
CA LYS A 64 -10.63 5.22 7.28
C LYS A 64 -11.00 6.23 8.37
N PHE A 65 -12.16 6.89 8.25
CA PHE A 65 -12.68 7.71 9.36
C PHE A 65 -14.16 7.94 9.20
N THR A 66 -14.79 8.49 10.23
CA THR A 66 -16.22 8.65 10.29
C THR A 66 -16.73 9.98 10.78
N ILE A 67 -17.91 10.33 10.32
CA ILE A 67 -18.56 11.58 10.64
C ILE A 67 -19.96 11.20 11.00
N LYS A 68 -20.53 11.80 12.02
CA LYS A 68 -21.84 11.42 12.54
C LYS A 68 -22.72 12.67 12.67
N LEU A 69 -23.92 12.60 12.08
CA LEU A 69 -24.98 13.55 12.40
C LEU A 69 -26.05 12.86 13.25
N LEU A 70 -26.31 13.41 14.43
CA LEU A 70 -27.19 12.80 15.41
C LEU A 70 -28.32 13.73 15.79
N PHE A 71 -29.55 13.29 15.59
CA PHE A 71 -30.72 14.14 15.86
C PHE A 71 -31.58 13.61 17.00
N ASP A 72 -32.28 14.51 17.73
CA ASP A 72 -33.28 14.10 18.73
C ASP A 72 -34.65 13.79 18.10
N GLU A 73 -35.67 13.50 18.91
CA GLU A 73 -37.00 13.16 18.34
C GLU A 73 -37.71 14.27 17.54
N LYS A 74 -37.30 15.53 17.73
CA LYS A 74 -37.73 16.66 16.88
C LYS A 74 -36.77 17.07 15.69
N GLY A 75 -35.66 16.39 15.51
CA GLY A 75 -34.79 16.65 14.33
C GLY A 75 -33.78 17.73 14.61
N VAL A 76 -33.50 17.92 15.90
CA VAL A 76 -32.42 18.81 16.30
C VAL A 76 -31.11 18.04 16.49
N LEU A 77 -30.02 18.60 15.94
CA LEU A 77 -28.68 18.09 16.12
C LEU A 77 -28.28 17.99 17.57
N LEU A 78 -27.60 16.90 17.94
CA LEU A 78 -27.12 16.78 19.31
C LEU A 78 -25.64 17.15 19.35
N LYS A 79 -25.25 17.73 20.49
CA LYS A 79 -23.89 18.17 20.84
C LYS A 79 -22.81 17.19 20.29
N ASP A 80 -22.99 15.93 20.60
CA ASP A 80 -22.04 14.87 20.26
C ASP A 80 -21.88 14.57 18.81
N SER A 81 -22.58 15.25 17.91
CA SER A 81 -22.33 15.04 16.47
C SER A 81 -20.96 15.53 16.06
N SER A 82 -20.52 15.08 14.91
CA SER A 82 -19.25 15.58 14.37
C SER A 82 -19.38 17.02 13.98
N LEU A 83 -20.60 17.41 13.59
CA LEU A 83 -20.85 18.74 13.08
C LEU A 83 -21.20 19.65 14.23
N ASP A 84 -20.65 20.87 14.24
CA ASP A 84 -20.92 21.84 15.32
C ASP A 84 -22.32 22.42 15.13
N LYS A 85 -23.17 22.33 16.16
CA LYS A 85 -24.51 22.89 16.13
C LYS A 85 -24.63 24.32 15.63
N GLU A 86 -23.64 25.15 15.95
CA GLU A 86 -23.71 26.57 15.63
C GLU A 86 -23.70 26.79 14.11
N TYR A 87 -23.14 25.86 13.34
CA TYR A 87 -23.05 25.96 11.88
C TYR A 87 -24.19 25.22 11.13
N TRP A 88 -25.27 24.87 11.84
CA TRP A 88 -26.34 24.06 11.23
C TRP A 88 -27.73 24.64 11.51
N ASN A 89 -28.37 25.16 10.46
CA ASN A 89 -29.71 25.69 10.58
C ASN A 89 -30.38 25.66 9.21
N TYR A 90 -31.65 26.04 9.14
CA TYR A 90 -32.38 26.34 7.90
C TYR A 90 -31.72 27.50 7.12
N ARG A 91 -32.14 27.67 5.89
CA ARG A 91 -31.64 28.71 5.01
C ARG A 91 -32.50 29.93 5.25
N SER A 92 -31.91 31.12 5.23
CA SER A 92 -32.61 32.41 5.42
C SER A 92 -34.14 32.35 5.84
N ASN A 93 -35.05 33.03 5.13
CA ASN A 93 -36.55 33.23 5.48
C ASN A 93 -37.00 34.18 6.70
N ASN A 94 -37.58 33.62 7.78
CA ASN A 94 -37.76 34.30 9.08
C ASN A 94 -36.84 33.58 10.09
N ASN A 95 -35.70 33.10 9.57
CA ASN A 95 -34.64 32.38 10.31
C ASN A 95 -33.23 33.00 9.94
N ASN A 96 -33.18 34.35 9.83
CA ASN A 96 -32.03 35.17 9.35
C ASN A 96 -31.36 35.84 10.57
N VAL A 97 -32.17 36.59 11.35
CA VAL A 97 -31.89 37.01 12.76
C VAL A 97 -32.90 36.37 13.79
N GLY A 98 -33.56 35.27 13.38
CA GLY A 98 -34.30 34.37 14.28
C GLY A 98 -33.36 33.31 14.82
N SER A 99 -32.24 33.11 14.11
CA SER A 99 -31.04 32.37 14.57
C SER A 99 -31.38 30.92 14.83
N ALA A 100 -30.47 30.20 15.52
CA ALA A 100 -30.62 28.75 15.72
C ALA A 100 -31.85 28.25 16.57
N TYR A 101 -32.97 27.98 15.92
CA TYR A 101 -34.13 27.29 16.55
C TYR A 101 -34.18 25.87 15.89
N GLU A 102 -34.98 24.98 16.47
CA GLU A 102 -35.60 23.99 15.60
C GLU A 102 -36.91 23.27 16.04
N GLU A 103 -37.62 22.80 15.01
CA GLU A 103 -38.07 21.39 14.80
C GLU A 103 -37.67 21.07 13.31
N ALA A 104 -37.39 19.81 12.97
CA ALA A 104 -37.11 19.46 11.57
C ALA A 104 -37.37 17.97 11.21
N VAL A 105 -38.49 17.45 11.66
CA VAL A 105 -38.77 16.03 11.55
C VAL A 105 -38.92 15.62 10.11
N GLY A 106 -39.47 16.50 9.28
CA GLY A 106 -39.60 16.22 7.85
C GLY A 106 -38.31 16.10 7.07
N PHE A 107 -37.19 16.51 7.67
CA PHE A 107 -35.85 16.25 7.10
C PHE A 107 -35.15 14.98 7.61
N MET A 108 -35.78 14.31 8.55
CA MET A 108 -35.20 13.14 9.14
C MET A 108 -35.41 11.93 8.26
N PRO A 109 -34.48 10.97 8.33
CA PRO A 109 -34.60 9.79 7.53
C PRO A 109 -35.57 8.83 8.20
N SER A 110 -36.61 8.42 7.49
CA SER A 110 -37.69 7.60 8.05
C SER A 110 -37.23 6.41 8.90
N THR A 111 -37.72 6.35 10.14
CA THR A 111 -37.56 5.15 10.93
C THR A 111 -38.41 3.99 10.39
N THR A 112 -39.34 4.21 9.46
CA THR A 112 -40.03 3.08 8.84
C THR A 112 -39.18 2.55 7.71
N ALA A 113 -38.69 3.42 6.85
CA ALA A 113 -37.83 2.93 5.77
C ALA A 113 -36.45 2.51 6.22
N TYR A 114 -35.97 3.15 7.28
CA TYR A 114 -34.63 2.91 7.81
C TYR A 114 -34.69 2.59 9.31
N PRO A 115 -35.15 1.40 9.66
CA PRO A 115 -35.30 1.03 11.05
C PRO A 115 -34.05 0.59 11.70
N LYS A 116 -34.14 0.45 13.02
CA LYS A 116 -33.09 -0.19 13.81
C LYS A 116 -32.91 -1.57 13.17
N PRO A 117 -31.65 -1.95 12.85
CA PRO A 117 -31.55 -3.13 11.96
C PRO A 117 -31.69 -4.40 12.83
N PRO A 118 -32.26 -5.50 12.30
CA PRO A 118 -32.39 -6.72 13.16
C PRO A 118 -31.03 -7.35 13.52
N THR A 119 -31.00 -8.48 14.19
CA THR A 119 -29.68 -9.09 14.55
C THR A 119 -29.37 -10.20 13.54
N PRO A 120 -28.26 -10.08 12.78
CA PRO A 120 -28.09 -11.07 11.68
C PRO A 120 -27.97 -12.50 12.23
N PRO A 121 -28.79 -13.45 11.75
CA PRO A 121 -28.65 -14.83 12.19
C PRO A 121 -27.27 -15.42 12.49
N THR A 122 -27.33 -16.50 13.29
CA THR A 122 -26.15 -17.19 13.77
C THR A 122 -25.34 -17.65 12.55
N ASN A 123 -26.04 -18.35 11.65
CA ASN A 123 -25.51 -18.91 10.42
C ASN A 123 -25.54 -17.94 9.21
N PRO A 124 -24.41 -17.61 8.59
CA PRO A 124 -24.62 -16.62 7.50
C PRO A 124 -25.22 -17.23 6.18
N THR A 125 -25.19 -18.54 6.09
CA THR A 125 -25.95 -19.29 5.12
C THR A 125 -27.45 -19.09 5.21
N THR A 126 -27.95 -18.76 6.40
CA THR A 126 -29.37 -18.59 6.62
C THR A 126 -29.77 -17.25 5.97
N PRO A 127 -30.80 -17.27 5.11
CA PRO A 127 -31.16 -16.02 4.47
C PRO A 127 -32.08 -15.18 5.35
N LEU A 128 -31.96 -13.86 5.16
CA LEU A 128 -32.69 -12.87 5.95
C LEU A 128 -34.15 -12.80 5.55
N GLU A 129 -34.98 -12.41 6.52
CA GLU A 129 -36.35 -12.05 6.22
C GLU A 129 -36.48 -10.59 6.08
N LYS A 130 -35.57 -9.80 6.65
CA LYS A 130 -35.57 -8.33 6.44
C LYS A 130 -34.17 -7.69 6.35
N SER A 131 -34.06 -6.62 5.58
CA SER A 131 -32.75 -6.19 5.05
C SER A 131 -31.75 -5.61 6.03
N GLN A 132 -30.48 -5.99 5.97
CA GLN A 132 -29.40 -5.34 6.71
C GLN A 132 -28.84 -4.14 5.85
N ALA A 133 -28.82 -4.30 4.54
CA ALA A 133 -28.25 -3.30 3.61
C ALA A 133 -29.09 -2.06 3.27
N LYS A 134 -30.40 -2.12 3.49
CA LYS A 134 -31.33 -1.17 2.85
C LYS A 134 -31.26 0.23 3.39
N ASN A 135 -30.46 0.43 4.43
CA ASN A 135 -30.24 1.73 5.02
C ASN A 135 -28.87 2.29 4.68
N LYS A 136 -28.30 1.84 3.59
CA LYS A 136 -27.02 2.35 3.17
C LYS A 136 -27.04 2.72 1.70
N TYR A 137 -26.53 3.91 1.43
CA TYR A 137 -26.08 4.35 0.13
C TYR A 137 -24.56 4.15 0.15
N VAL A 138 -24.02 3.41 -0.84
CA VAL A 138 -22.59 3.15 -0.90
C VAL A 138 -22.11 3.69 -2.21
N SER A 139 -21.20 4.67 -2.20
CA SER A 139 -20.80 5.37 -3.41
C SER A 139 -19.37 5.83 -3.21
N ASN A 140 -18.88 6.73 -4.04
CA ASN A 140 -17.51 7.23 -3.89
C ASN A 140 -17.42 8.73 -3.82
N VAL A 141 -16.27 9.23 -3.39
CA VAL A 141 -15.94 10.64 -3.65
C VAL A 141 -14.54 10.68 -4.17
N TYR A 142 -14.19 11.81 -4.72
CA TYR A 142 -12.90 11.90 -5.32
C TYR A 142 -12.04 13.02 -4.76
N LEU A 143 -10.99 12.63 -4.06
CA LEU A 143 -10.07 13.57 -3.44
C LEU A 143 -9.39 14.40 -4.53
N GLY A 144 -9.34 15.70 -4.31
CA GLY A 144 -8.88 16.63 -5.35
C GLY A 144 -9.80 16.73 -6.57
N GLY A 145 -10.92 16.03 -6.55
CA GLY A 145 -11.78 15.93 -7.70
C GLY A 145 -11.18 15.19 -8.86
N GLN A 146 -10.29 14.26 -8.53
CA GLN A 146 -9.50 13.52 -9.50
C GLN A 146 -10.05 12.08 -9.56
N ALA A 147 -10.34 11.58 -10.76
CA ALA A 147 -10.89 10.23 -10.88
C ALA A 147 -9.98 9.18 -10.24
N GLY A 148 -8.66 9.39 -10.36
CA GLY A 148 -7.67 8.55 -9.73
C GLY A 148 -7.62 8.54 -8.22
N ASN A 149 -8.36 9.38 -7.50
CA ASN A 149 -8.29 9.40 -6.01
C ASN A 149 -9.64 9.07 -5.38
N PRO A 150 -10.13 7.85 -5.62
CA PRO A 150 -11.36 7.48 -4.96
C PRO A 150 -11.25 7.25 -3.47
N VAL A 151 -12.37 7.51 -2.79
CA VAL A 151 -12.60 7.16 -1.41
C VAL A 151 -14.03 6.59 -1.32
N ALA A 152 -14.09 5.31 -0.92
CA ALA A 152 -15.36 4.65 -0.72
C ALA A 152 -16.07 5.27 0.43
N THR A 153 -17.30 5.71 0.19
CA THR A 153 -18.10 6.44 1.14
C THR A 153 -19.43 5.70 1.42
N THR A 154 -19.68 5.32 2.67
CA THR A 154 -20.94 4.68 3.01
C THR A 154 -21.80 5.58 3.94
N VAL A 155 -22.84 6.15 3.33
CA VAL A 155 -23.86 6.90 4.07
C VAL A 155 -24.82 5.90 4.66
N SER A 156 -25.06 5.97 5.97
CA SER A 156 -25.91 5.00 6.67
C SER A 156 -26.91 5.73 7.59
N PHE A 157 -28.15 5.24 7.58
CA PHE A 157 -29.23 5.91 8.24
C PHE A 157 -29.73 5.20 9.48
N ASN A 158 -29.89 5.97 10.56
CA ASN A 158 -30.45 5.52 11.83
C ASN A 158 -29.79 4.25 12.34
N LYS A 159 -28.46 4.22 12.29
CA LYS A 159 -27.70 3.11 12.88
C LYS A 159 -26.94 3.41 14.15
N GLU A 160 -26.87 4.69 14.57
CA GLU A 160 -26.09 5.13 15.74
C GLU A 160 -26.96 5.03 16.99
N THR A 161 -26.35 4.94 18.18
CA THR A 161 -27.15 4.77 19.42
C THR A 161 -27.44 6.04 20.26
N GLY A 162 -26.80 7.16 19.95
CA GLY A 162 -26.93 8.33 20.85
C GLY A 162 -28.28 9.07 20.89
N CYS A 163 -29.28 8.63 20.13
CA CYS A 163 -30.13 9.57 19.39
C CYS A 163 -31.41 8.92 18.91
N THR A 164 -32.23 9.64 18.17
CA THR A 164 -33.50 9.15 17.59
C THR A 164 -33.43 8.99 16.10
N TYR A 165 -32.73 9.92 15.44
CA TYR A 165 -32.32 9.75 14.06
C TYR A 165 -30.83 9.98 13.94
N SER A 166 -30.27 9.52 12.82
CA SER A 166 -28.85 9.59 12.54
C SER A 166 -28.54 9.55 11.04
N ILE A 167 -27.60 10.40 10.62
CA ILE A 167 -26.96 10.25 9.31
C ILE A 167 -25.45 10.10 9.57
N THR A 168 -24.90 9.00 9.08
CA THR A 168 -23.54 8.62 9.37
C THR A 168 -22.80 8.49 8.02
N PHE A 169 -21.56 9.00 7.95
CA PHE A 169 -20.73 9.01 6.73
C PHE A 169 -19.44 8.26 7.06
N ASP A 170 -19.23 7.07 6.49
CA ASP A 170 -18.04 6.25 6.76
C ASP A 170 -17.21 6.24 5.49
N PHE A 171 -16.06 6.92 5.52
CA PHE A 171 -15.04 6.94 4.45
C PHE A 171 -13.95 5.96 4.74
N ALA A 172 -13.34 5.47 3.68
CA ALA A 172 -12.35 4.40 3.71
C ALA A 172 -11.76 4.19 2.30
N TRP A 173 -10.45 3.93 2.19
CA TRP A 173 -9.77 3.68 0.90
C TRP A 173 -8.67 2.61 1.01
N ASN A 174 -8.31 1.99 -0.13
CA ASN A 174 -7.17 1.05 -0.21
C ASN A 174 -5.96 1.69 -0.83
N LYS A 175 -6.15 2.52 -1.86
CA LYS A 175 -5.03 3.25 -2.47
C LYS A 175 -4.05 3.71 -1.37
N THR A 176 -2.73 3.48 -1.51
CA THR A 176 -1.78 4.06 -0.53
C THR A 176 -1.47 5.45 -1.04
N TYR A 177 -2.20 6.42 -0.52
CA TYR A 177 -2.06 7.81 -0.93
C TYR A 177 -0.74 8.40 -0.42
N GLU A 178 -0.05 9.12 -1.31
CA GLU A 178 1.17 9.83 -0.91
C GLU A 178 0.95 11.30 -1.05
N ASN A 179 0.89 11.96 0.11
CA ASN A 179 0.64 13.44 0.21
C ASN A 179 -0.54 14.02 -0.56
N VAL A 180 -1.72 13.72 -0.08
CA VAL A 180 -2.95 14.05 -0.74
C VAL A 180 -3.96 14.49 0.30
N GLN A 181 -4.37 15.75 0.21
CA GLN A 181 -5.32 16.32 1.18
C GLN A 181 -6.69 15.72 0.97
N PHE A 182 -7.38 15.40 2.03
CA PHE A 182 -8.76 14.93 1.93
C PHE A 182 -9.69 16.13 1.68
N ASP A 183 -10.04 16.27 0.40
CA ASP A 183 -10.75 17.38 -0.17
C ASP A 183 -11.64 16.75 -1.26
N SER A 184 -12.94 16.64 -0.96
CA SER A 184 -13.75 15.68 -1.71
C SER A 184 -14.55 16.35 -2.80
N SER A 185 -14.76 15.62 -3.88
CA SER A 185 -15.76 15.93 -4.87
C SER A 185 -17.07 15.82 -4.10
N PHE A 186 -18.14 16.49 -4.54
CA PHE A 186 -19.43 16.27 -3.88
C PHE A 186 -20.16 14.99 -4.30
N LEU A 187 -21.00 14.55 -3.39
CA LEU A 187 -21.81 13.35 -3.44
C LEU A 187 -23.28 13.78 -3.35
N THR A 188 -24.12 13.24 -4.22
CA THR A 188 -25.52 13.53 -4.16
C THR A 188 -26.30 12.23 -4.13
N PHE A 189 -27.28 12.18 -3.23
CA PHE A 189 -28.23 11.08 -3.11
C PHE A 189 -29.52 11.67 -2.55
N SER A 190 -30.53 10.80 -2.42
CA SER A 190 -31.79 11.17 -1.81
C SER A 190 -32.14 10.10 -0.81
N TYR A 191 -33.01 10.41 0.13
CA TYR A 191 -33.47 9.46 1.16
C TYR A 191 -34.93 9.73 1.55
N ILE A 192 -35.55 8.69 2.12
CA ILE A 192 -36.99 8.71 2.43
C ILE A 192 -37.20 9.38 3.75
N ALA A 193 -38.11 10.35 3.78
CA ALA A 193 -38.33 11.19 4.94
C ALA A 193 -39.46 10.62 5.79
N GLN A 194 -39.39 11.00 7.07
CA GLN A 194 -40.32 10.63 8.10
C GLN A 194 -41.66 11.36 8.00
N GLU A 195 -41.78 12.68 8.25
CA GLU A 195 -43.04 13.50 8.66
C GLU A 195 -43.45 13.75 10.18
N ASP B 1 38.19 -29.53 -9.67
CA ASP B 1 36.99 -29.03 -8.92
C ASP B 1 35.82 -30.05 -9.03
N LYS B 2 34.58 -29.60 -8.73
CA LYS B 2 33.34 -30.31 -9.11
C LYS B 2 32.44 -29.51 -10.08
N LEU B 3 33.07 -28.70 -10.95
CA LEU B 3 32.39 -27.88 -11.96
C LEU B 3 31.16 -27.16 -11.37
N THR B 4 31.13 -27.07 -10.05
CA THR B 4 30.02 -26.54 -9.28
C THR B 4 30.67 -25.64 -8.22
N LEU B 5 30.31 -24.37 -8.24
CA LEU B 5 30.91 -23.38 -7.37
C LEU B 5 29.70 -22.81 -6.67
N TRP B 6 29.72 -22.85 -5.33
CA TRP B 6 28.48 -22.63 -4.59
C TRP B 6 28.66 -22.06 -3.20
N THR B 7 27.54 -21.96 -2.49
CA THR B 7 27.56 -21.54 -1.12
C THR B 7 27.62 -22.79 -0.26
N THR B 8 28.79 -23.02 0.35
CA THR B 8 29.01 -24.22 1.19
C THR B 8 27.83 -24.41 2.15
N PRO B 9 27.27 -25.62 2.24
CA PRO B 9 26.27 -25.93 3.28
C PRO B 9 26.85 -25.84 4.68
N ASP B 10 26.37 -24.86 5.44
CA ASP B 10 26.67 -24.63 6.88
C ASP B 10 25.32 -24.20 7.46
N PRO B 11 25.01 -24.52 8.74
CA PRO B 11 23.76 -23.95 9.31
C PRO B 11 23.76 -22.38 9.41
N SER B 12 24.97 -21.82 9.41
CA SER B 12 25.19 -20.39 9.63
C SER B 12 24.76 -19.50 8.49
N PRO B 13 24.33 -18.28 8.84
CA PRO B 13 24.13 -17.25 7.84
C PRO B 13 25.44 -16.73 7.28
N ASN B 14 25.38 -16.17 6.07
CA ASN B 14 26.57 -15.89 5.27
C ASN B 14 26.55 -14.59 4.46
N CYS B 15 25.56 -13.73 4.67
CA CYS B 15 25.30 -12.63 3.74
C CYS B 15 24.89 -11.33 4.45
N LYS B 16 25.23 -10.18 3.87
CA LYS B 16 24.94 -8.87 4.45
C LYS B 16 24.26 -7.99 3.43
N ILE B 17 23.02 -7.68 3.75
CA ILE B 17 22.28 -6.58 3.16
C ILE B 17 22.70 -5.27 3.84
N ASP B 18 22.18 -4.98 5.05
CA ASP B 18 22.63 -3.82 5.86
C ASP B 18 23.60 -4.14 7.00
N GLN B 19 23.45 -5.30 7.65
CA GLN B 19 24.34 -5.69 8.76
C GLN B 19 24.89 -7.12 8.56
N ASP B 20 26.10 -7.38 9.08
CA ASP B 20 26.76 -8.69 9.00
C ASP B 20 25.80 -9.84 9.42
N LYS B 21 25.85 -10.92 8.67
CA LYS B 21 24.92 -12.04 8.80
C LYS B 21 23.43 -11.77 8.98
N ASP B 22 22.93 -10.70 8.32
CA ASP B 22 21.52 -10.41 7.98
C ASP B 22 20.72 -11.53 7.43
N SER B 23 21.37 -12.27 6.52
CA SER B 23 20.77 -13.11 5.54
C SER B 23 21.58 -14.38 5.34
N LYS B 24 20.88 -15.42 4.86
CA LYS B 24 21.46 -16.75 4.54
C LYS B 24 21.09 -17.01 3.05
N LEU B 25 22.03 -16.67 2.19
CA LEU B 25 21.91 -16.81 0.74
C LEU B 25 22.35 -18.19 0.34
N THR B 26 21.50 -18.91 -0.40
CA THR B 26 22.01 -20.10 -1.08
C THR B 26 22.04 -19.81 -2.60
N PHE B 27 23.18 -20.14 -3.19
CA PHE B 27 23.47 -19.82 -4.57
C PHE B 27 24.45 -20.85 -5.16
N VAL B 28 24.00 -21.52 -6.22
CA VAL B 28 24.75 -22.63 -6.86
C VAL B 28 24.97 -22.41 -8.37
N LEU B 29 26.23 -22.39 -8.78
CA LEU B 29 26.60 -22.23 -10.17
C LEU B 29 27.18 -23.52 -10.66
N THR B 30 26.61 -24.07 -11.72
CA THR B 30 27.10 -25.32 -12.30
C THR B 30 27.41 -25.05 -13.75
N LYS B 31 28.60 -25.43 -14.20
CA LYS B 31 29.11 -24.96 -15.47
C LYS B 31 28.77 -25.96 -16.54
N CYS B 32 28.08 -25.54 -17.61
CA CYS B 32 27.95 -26.39 -18.84
C CYS B 32 28.64 -25.78 -20.01
N GLY B 33 29.97 -25.79 -19.94
CA GLY B 33 30.80 -25.12 -20.93
C GLY B 33 30.45 -23.67 -21.04
N SER B 34 29.74 -23.33 -22.09
CA SER B 34 29.50 -21.95 -22.42
C SER B 34 28.44 -21.33 -21.59
N GLN B 35 27.56 -22.12 -21.03
CA GLN B 35 26.58 -21.58 -20.09
C GLN B 35 26.75 -22.04 -18.64
N ILE B 36 26.71 -21.07 -17.75
CA ILE B 36 26.64 -21.32 -16.33
C ILE B 36 25.20 -21.44 -15.97
N LEU B 37 24.92 -22.45 -15.16
CA LEU B 37 23.59 -22.84 -14.75
C LEU B 37 23.43 -22.46 -13.26
N ALA B 38 22.58 -21.47 -13.01
CA ALA B 38 22.42 -20.86 -11.67
C ALA B 38 21.11 -21.30 -10.95
N ASN B 39 21.15 -21.31 -9.60
CA ASN B 39 20.00 -21.63 -8.70
C ASN B 39 20.12 -20.76 -7.47
N MET B 40 19.12 -19.97 -7.07
CA MET B 40 19.25 -19.20 -5.80
C MET B 40 17.96 -18.97 -4.95
N SER B 41 18.16 -19.12 -3.64
CA SER B 41 17.14 -19.04 -2.60
C SER B 41 17.67 -17.87 -1.68
N LEU B 42 16.80 -17.22 -0.90
CA LEU B 42 17.26 -16.25 0.10
C LEU B 42 16.40 -16.22 1.34
N LEU B 43 17.03 -16.34 2.49
CA LEU B 43 16.35 -16.19 3.76
C LEU B 43 17.02 -15.04 4.48
N VAL B 44 16.24 -14.03 4.89
CA VAL B 44 16.79 -12.92 5.67
C VAL B 44 16.26 -13.10 7.07
N VAL B 45 17.19 -13.11 8.03
CA VAL B 45 16.96 -13.66 9.37
C VAL B 45 16.87 -12.60 10.43
N LYS B 46 17.53 -11.47 10.19
CA LYS B 46 17.28 -10.27 10.97
C LYS B 46 17.34 -9.05 10.03
N GLY B 47 17.27 -7.84 10.59
CA GLY B 47 17.22 -6.63 9.79
C GLY B 47 15.82 -6.29 9.32
N LYS B 48 15.72 -5.49 8.26
CA LYS B 48 14.43 -4.88 7.88
C LYS B 48 13.51 -5.91 7.26
N PHE B 49 14.07 -6.95 6.66
CA PHE B 49 13.26 -7.84 5.83
C PHE B 49 13.03 -9.26 6.38
N SER B 50 13.58 -9.57 7.56
CA SER B 50 13.08 -10.63 8.42
C SER B 50 11.83 -10.08 8.80
N MET B 51 10.78 -10.83 8.92
CA MET B 51 9.43 -10.12 9.16
C MET B 51 9.07 -8.72 8.55
N ILE B 52 8.67 -8.68 7.29
CA ILE B 52 8.27 -7.43 6.66
C ILE B 52 6.89 -7.01 7.17
N ASN B 53 6.74 -5.75 7.57
CA ASN B 53 5.41 -5.19 7.71
C ASN B 53 5.37 -3.79 7.08
N ASN B 54 4.77 -3.68 5.92
CA ASN B 54 4.74 -2.40 5.20
C ASN B 54 3.56 -1.50 5.61
N LYS B 55 2.59 -2.02 6.37
CA LYS B 55 1.62 -1.15 7.05
C LYS B 55 2.34 -0.30 8.07
N VAL B 56 3.38 -0.87 8.67
CA VAL B 56 4.21 -0.20 9.69
C VAL B 56 5.33 0.68 9.08
N ASN B 57 6.12 0.09 8.18
CA ASN B 57 7.20 0.76 7.49
C ASN B 57 6.91 0.64 6.02
N GLY B 58 6.35 1.67 5.44
CA GLY B 58 5.84 1.61 4.03
C GLY B 58 6.62 2.43 3.02
N THR B 59 7.76 2.98 3.43
CA THR B 59 8.49 3.85 2.55
C THR B 59 9.28 2.98 1.61
N ASP B 60 9.66 3.56 0.47
CA ASP B 60 10.23 2.82 -0.66
C ASP B 60 11.42 1.98 -0.24
N ASP B 61 12.26 2.53 0.64
CA ASP B 61 13.43 1.86 1.20
C ASP B 61 13.12 0.60 2.06
N TYR B 62 11.86 0.33 2.40
CA TYR B 62 11.44 -0.93 3.09
C TYR B 62 10.75 -1.92 2.19
N LYS B 63 10.73 -1.59 0.89
CA LYS B 63 10.17 -2.46 -0.17
C LYS B 63 11.15 -2.80 -1.33
N LYS B 64 12.43 -2.59 -1.14
CA LYS B 64 13.43 -3.00 -2.12
C LYS B 64 14.79 -3.20 -1.43
N PHE B 65 15.59 -4.12 -1.94
CA PHE B 65 16.98 -4.24 -1.46
C PHE B 65 17.83 -4.98 -2.47
N THR B 66 19.14 -4.91 -2.25
CA THR B 66 20.10 -5.46 -3.20
C THR B 66 21.19 -6.32 -2.60
N ILE B 67 21.67 -7.23 -3.41
CA ILE B 67 22.70 -8.16 -3.02
C ILE B 67 23.70 -8.12 -4.15
N LYS B 68 24.99 -8.12 -3.84
CA LYS B 68 26.04 -7.97 -4.84
C LYS B 68 27.07 -9.07 -4.71
N LEU B 69 27.35 -9.77 -5.81
CA LEU B 69 28.54 -10.62 -5.91
C LEU B 69 29.53 -9.97 -6.85
N LEU B 70 30.73 -9.70 -6.35
CA LEU B 70 31.76 -8.94 -7.07
C LEU B 70 33.03 -9.78 -7.17
N PHE B 71 33.48 -10.01 -8.38
CA PHE B 71 34.67 -10.86 -8.61
C PHE B 71 35.84 -10.09 -9.21
N ASP B 72 37.06 -10.52 -8.93
CA ASP B 72 38.28 -9.92 -9.55
C ASP B 72 38.57 -10.55 -10.91
N GLU B 73 39.69 -10.19 -11.54
CA GLU B 73 40.01 -10.73 -12.89
C GLU B 73 40.23 -12.25 -12.97
N LYS B 74 40.49 -12.91 -11.84
CA LYS B 74 40.50 -14.38 -11.75
C LYS B 74 39.20 -15.09 -11.24
N GLY B 75 38.15 -14.34 -10.92
CA GLY B 75 36.86 -14.95 -10.53
C GLY B 75 36.78 -15.24 -9.05
N VAL B 76 37.59 -14.50 -8.29
CA VAL B 76 37.53 -14.55 -6.84
C VAL B 76 36.64 -13.43 -6.30
N LEU B 77 35.76 -13.81 -5.36
CA LEU B 77 34.90 -12.85 -4.67
C LEU B 77 35.67 -11.78 -3.95
N LEU B 78 35.18 -10.55 -4.01
CA LEU B 78 35.84 -9.47 -3.27
C LEU B 78 35.14 -9.20 -1.93
N LYS B 79 35.93 -8.79 -0.95
CA LYS B 79 35.52 -8.27 0.37
C LYS B 79 34.17 -7.49 0.34
N ASP B 80 34.02 -6.53 -0.56
CA ASP B 80 32.81 -5.71 -0.59
C ASP B 80 31.54 -6.43 -1.01
N SER B 81 31.60 -7.70 -1.35
CA SER B 81 30.36 -8.38 -1.76
C SER B 81 29.44 -8.60 -0.60
N SER B 82 28.17 -8.83 -0.91
CA SER B 82 27.19 -9.12 0.10
C SER B 82 27.49 -10.45 0.73
N LEU B 83 28.10 -11.36 -0.01
CA LEU B 83 28.33 -12.73 0.47
C LEU B 83 29.65 -12.80 1.15
N ASP B 84 29.74 -13.48 2.29
CA ASP B 84 31.03 -13.66 3.03
C ASP B 84 31.88 -14.66 2.27
N LYS B 85 33.11 -14.27 1.97
CA LYS B 85 34.06 -15.14 1.25
C LYS B 85 34.24 -16.55 1.82
N GLU B 86 34.16 -16.68 3.15
CA GLU B 86 34.43 -17.96 3.79
C GLU B 86 33.36 -18.99 3.43
N TYR B 87 32.16 -18.55 3.06
CA TYR B 87 31.06 -19.46 2.69
C TYR B 87 30.94 -19.74 1.17
N TRP B 88 31.97 -19.37 0.40
CA TRP B 88 31.93 -19.50 -1.06
C TRP B 88 33.17 -20.21 -1.63
N ASN B 89 32.98 -21.43 -2.10
CA ASN B 89 34.04 -22.19 -2.70
C ASN B 89 33.42 -23.23 -3.62
N TYR B 90 34.28 -23.95 -4.36
CA TYR B 90 33.90 -25.13 -5.14
C TYR B 90 33.34 -26.26 -4.24
N ARG B 91 32.79 -27.29 -4.87
CA ARG B 91 32.07 -28.33 -4.16
C ARG B 91 33.07 -29.38 -3.70
N SER B 92 32.85 -29.93 -2.51
CA SER B 92 33.62 -31.07 -2.00
C SER B 92 34.13 -32.11 -3.06
N ASN B 93 35.39 -32.52 -2.90
CA ASN B 93 35.91 -33.82 -3.37
C ASN B 93 37.14 -33.99 -2.45
N ASN B 94 36.91 -33.85 -1.12
CA ASN B 94 37.93 -33.57 -0.05
C ASN B 94 37.98 -32.01 0.24
N ASN B 95 39.19 -31.44 0.38
CA ASN B 95 39.45 -29.98 0.18
C ASN B 95 40.64 -29.79 -0.84
N ASN B 96 40.44 -30.41 -2.02
CA ASN B 96 41.37 -30.48 -3.19
C ASN B 96 40.97 -29.43 -4.26
N VAL B 97 39.69 -29.47 -4.65
CA VAL B 97 38.92 -28.33 -5.26
C VAL B 97 39.41 -26.88 -5.02
N GLY B 98 39.86 -26.57 -3.79
CA GLY B 98 40.43 -25.24 -3.44
C GLY B 98 41.67 -25.14 -2.50
N SER B 99 41.54 -25.61 -1.25
CA SER B 99 42.21 -25.01 -0.06
C SER B 99 41.58 -23.62 0.24
N ALA B 100 40.26 -23.56 0.11
CA ALA B 100 39.48 -22.36 0.39
C ALA B 100 39.70 -21.11 -0.52
N TYR B 101 40.61 -21.13 -1.51
CA TYR B 101 40.81 -20.00 -2.47
C TYR B 101 40.42 -20.48 -3.85
N GLU B 102 40.81 -19.77 -4.92
CA GLU B 102 40.60 -20.32 -6.27
C GLU B 102 41.43 -19.71 -7.44
N GLU B 103 41.01 -20.12 -8.65
CA GLU B 103 40.69 -19.28 -9.86
C GLU B 103 39.27 -19.78 -10.31
N ALA B 104 38.46 -18.95 -10.98
CA ALA B 104 37.17 -19.44 -11.47
C ALA B 104 36.59 -18.64 -12.67
N VAL B 105 37.44 -18.35 -13.64
CA VAL B 105 37.06 -17.45 -14.71
C VAL B 105 35.95 -18.05 -15.56
N GLY B 106 35.97 -19.36 -15.72
CA GLY B 106 34.90 -20.03 -16.46
C GLY B 106 33.52 -20.00 -15.86
N PHE B 107 33.41 -19.60 -14.60
CA PHE B 107 32.09 -19.31 -13.97
C PHE B 107 31.63 -17.84 -14.07
N MET B 108 32.50 -16.99 -14.60
CA MET B 108 32.18 -15.59 -14.70
C MET B 108 31.30 -15.30 -15.89
N PRO B 109 30.48 -14.25 -15.75
CA PRO B 109 29.57 -13.91 -16.82
C PRO B 109 30.31 -13.12 -17.86
N SER B 110 30.26 -13.57 -19.12
CA SER B 110 31.05 -13.00 -20.22
C SER B 110 30.97 -11.47 -20.31
N THR B 111 32.14 -10.83 -20.28
CA THR B 111 32.21 -9.41 -20.62
C THR B 111 31.97 -9.17 -22.10
N THR B 112 31.95 -10.19 -22.93
CA THR B 112 31.56 -9.97 -24.32
C THR B 112 30.05 -10.00 -24.41
N ALA B 113 29.40 -11.00 -23.83
CA ALA B 113 27.95 -11.03 -23.87
C ALA B 113 27.28 -9.97 -22.99
N TYR B 114 27.96 -9.62 -21.90
CA TYR B 114 27.42 -8.71 -20.90
C TYR B 114 28.44 -7.58 -20.62
N PRO B 115 28.58 -6.65 -21.57
CA PRO B 115 29.59 -5.59 -21.41
C PRO B 115 29.13 -4.47 -20.56
N LYS B 116 30.09 -3.58 -20.28
CA LYS B 116 29.80 -2.28 -19.71
C LYS B 116 28.70 -1.63 -20.59
N PRO B 117 27.62 -1.12 -19.94
CA PRO B 117 26.44 -0.86 -20.74
C PRO B 117 26.58 0.49 -21.51
N PRO B 118 25.98 0.63 -22.70
CA PRO B 118 26.18 1.84 -23.51
C PRO B 118 25.63 3.13 -22.86
N THR B 119 25.72 4.25 -23.58
CA THR B 119 25.39 5.54 -23.03
C THR B 119 23.96 5.94 -23.37
N PRO B 120 23.11 6.21 -22.35
CA PRO B 120 21.73 6.66 -22.68
C PRO B 120 21.72 7.92 -23.59
N PRO B 121 21.08 7.87 -24.78
CA PRO B 121 21.07 9.11 -25.60
C PRO B 121 20.30 10.23 -24.93
N THR B 122 20.54 11.45 -25.43
CA THR B 122 19.96 12.66 -24.85
C THR B 122 18.42 12.52 -24.88
N ASN B 123 17.94 12.24 -26.09
CA ASN B 123 16.52 12.05 -26.40
C ASN B 123 16.09 10.55 -26.31
N PRO B 124 15.11 10.20 -25.47
CA PRO B 124 14.81 8.76 -25.45
C PRO B 124 14.08 8.20 -26.66
N THR B 125 13.55 9.06 -27.55
CA THR B 125 13.12 8.60 -28.90
C THR B 125 14.27 7.96 -29.70
N THR B 126 15.50 8.41 -29.48
CA THR B 126 16.61 7.92 -30.31
C THR B 126 16.99 6.53 -29.81
N PRO B 127 17.03 5.52 -30.71
CA PRO B 127 17.19 4.19 -30.19
C PRO B 127 18.64 3.82 -30.09
N LEU B 128 18.91 2.76 -29.34
CA LEU B 128 20.25 2.20 -29.22
C LEU B 128 20.66 1.41 -30.44
N GLU B 129 21.97 1.40 -30.68
CA GLU B 129 22.53 0.50 -31.64
C GLU B 129 23.01 -0.75 -30.98
N LYS B 130 23.32 -0.72 -29.67
CA LYS B 130 23.46 -1.98 -28.92
C LYS B 130 22.83 -1.93 -27.49
N SER B 131 22.38 -3.09 -27.04
CA SER B 131 21.40 -3.20 -25.99
C SER B 131 21.79 -2.71 -24.61
N GLN B 132 20.91 -1.97 -23.91
CA GLN B 132 21.11 -1.73 -22.46
C GLN B 132 20.48 -2.88 -21.61
N ALA B 133 19.41 -3.50 -22.10
CA ALA B 133 18.67 -4.55 -21.36
C ALA B 133 19.26 -5.97 -21.32
N LYS B 134 20.15 -6.29 -22.27
CA LYS B 134 20.48 -7.69 -22.56
C LYS B 134 21.29 -8.41 -21.50
N ASN B 135 21.68 -7.67 -20.46
CA ASN B 135 22.42 -8.17 -19.32
C ASN B 135 21.56 -8.30 -18.10
N LYS B 136 20.25 -8.43 -18.30
CA LYS B 136 19.34 -8.65 -17.19
C LYS B 136 18.39 -9.78 -17.48
N TYR B 137 18.29 -10.69 -16.51
CA TYR B 137 17.20 -11.67 -16.38
C TYR B 137 16.24 -11.04 -15.38
N VAL B 138 14.96 -10.92 -15.74
CA VAL B 138 13.97 -10.24 -14.88
C VAL B 138 12.88 -11.20 -14.64
N SER B 139 12.62 -11.58 -13.40
CA SER B 139 11.70 -12.69 -13.09
C SER B 139 11.16 -12.43 -11.70
N ASN B 140 10.58 -13.41 -11.07
CA ASN B 140 10.03 -13.24 -9.73
C ASN B 140 10.48 -14.30 -8.74
N VAL B 141 10.29 -14.04 -7.46
CA VAL B 141 10.38 -15.11 -6.47
C VAL B 141 9.20 -15.00 -5.57
N TYR B 142 8.96 -16.05 -4.81
CA TYR B 142 7.78 -16.05 -4.02
C TYR B 142 8.06 -16.26 -2.55
N LEU B 143 7.80 -15.21 -1.77
CA LEU B 143 8.00 -15.27 -0.32
C LEU B 143 7.10 -16.32 0.29
N GLY B 144 7.66 -17.15 1.17
CA GLY B 144 6.95 -18.31 1.69
C GLY B 144 6.64 -19.38 0.67
N GLY B 145 7.12 -19.21 -0.56
CA GLY B 145 6.77 -20.12 -1.66
C GLY B 145 5.33 -20.07 -2.06
N GLN B 146 4.71 -18.91 -1.83
CA GLN B 146 3.30 -18.68 -2.02
C GLN B 146 3.07 -17.85 -3.26
N ALA B 147 2.16 -18.31 -4.14
CA ALA B 147 1.89 -17.58 -5.37
C ALA B 147 1.49 -16.14 -5.09
N GLY B 148 0.74 -15.92 -4.02
CA GLY B 148 0.32 -14.62 -3.59
C GLY B 148 1.39 -13.66 -3.11
N ASN B 149 2.65 -14.09 -2.95
CA ASN B 149 3.69 -13.19 -2.41
C ASN B 149 4.83 -13.00 -3.40
N PRO B 150 4.54 -12.39 -4.54
CA PRO B 150 5.63 -12.11 -5.47
C PRO B 150 6.58 -11.01 -5.02
N VAL B 151 7.81 -11.16 -5.48
CA VAL B 151 8.87 -10.20 -5.34
C VAL B 151 9.61 -10.16 -6.70
N ALA B 152 9.52 -9.01 -7.35
CA ALA B 152 10.20 -8.80 -8.60
C ALA B 152 11.68 -8.81 -8.38
N THR B 153 12.39 -9.64 -9.13
CA THR B 153 13.78 -9.90 -8.97
C THR B 153 14.56 -9.66 -10.26
N THR B 154 15.53 -8.76 -10.25
CA THR B 154 16.34 -8.52 -11.43
C THR B 154 17.81 -8.91 -11.21
N VAL B 155 18.18 -10.04 -11.81
CA VAL B 155 19.58 -10.46 -11.85
C VAL B 155 20.28 -9.68 -12.97
N SER B 156 21.37 -9.00 -12.66
CA SER B 156 22.06 -8.15 -13.63
C SER B 156 23.60 -8.42 -13.61
N PHE B 157 24.16 -8.46 -14.82
CA PHE B 157 25.53 -8.88 -14.98
C PHE B 157 26.47 -7.75 -15.34
N ASN B 158 27.61 -7.72 -14.65
CA ASN B 158 28.71 -6.82 -14.94
C ASN B 158 28.24 -5.36 -15.03
N LYS B 159 27.41 -4.93 -14.08
CA LYS B 159 27.03 -3.50 -13.98
C LYS B 159 27.65 -2.74 -12.81
N GLU B 160 28.38 -3.41 -11.90
CA GLU B 160 28.93 -2.79 -10.66
C GLU B 160 30.29 -2.26 -10.92
N THR B 161 30.77 -1.29 -10.13
CA THR B 161 32.12 -0.69 -10.41
C THR B 161 33.31 -1.20 -9.58
N GLY B 162 33.07 -2.01 -8.56
CA GLY B 162 34.20 -2.41 -7.68
C GLY B 162 35.25 -3.38 -8.23
N CYS B 163 35.09 -3.83 -9.47
CA CYS B 163 35.37 -5.23 -9.80
C CYS B 163 35.64 -5.45 -11.27
N THR B 164 35.84 -6.70 -11.67
CA THR B 164 36.05 -7.10 -13.08
C THR B 164 34.84 -7.84 -13.64
N TYR B 165 34.21 -8.65 -12.81
CA TYR B 165 32.90 -9.21 -13.07
C TYR B 165 32.00 -8.98 -11.88
N SER B 166 30.69 -9.14 -12.12
CA SER B 166 29.68 -8.89 -11.10
C SER B 166 28.38 -9.66 -11.38
N ILE B 167 27.78 -10.21 -10.32
CA ILE B 167 26.39 -10.68 -10.37
C ILE B 167 25.62 -9.91 -9.29
N THR B 168 24.57 -9.22 -9.73
CA THR B 168 23.81 -8.34 -8.88
C THR B 168 22.36 -8.81 -8.86
N PHE B 169 21.74 -8.83 -7.68
CA PHE B 169 20.35 -9.30 -7.48
C PHE B 169 19.54 -8.15 -6.87
N ASP B 170 18.60 -7.57 -7.62
CA ASP B 170 17.79 -6.43 -7.16
C ASP B 170 16.37 -6.91 -6.96
N PHE B 171 15.94 -6.99 -5.71
CA PHE B 171 14.58 -7.34 -5.30
C PHE B 171 13.81 -6.08 -4.98
N ALA B 172 12.48 -6.20 -5.10
CA ALA B 172 11.56 -5.08 -5.00
C ALA B 172 10.11 -5.59 -5.16
N TRP B 173 9.15 -5.05 -4.41
CA TRP B 173 7.73 -5.43 -4.49
C TRP B 173 6.77 -4.25 -4.32
N ASN B 174 5.52 -4.41 -4.80
CA ASN B 174 4.44 -3.40 -4.57
C ASN B 174 3.51 -3.81 -3.45
N LYS B 175 3.13 -5.08 -3.41
CA LYS B 175 2.23 -5.58 -2.38
C LYS B 175 2.62 -4.97 -1.01
N THR B 176 1.67 -4.47 -0.22
CA THR B 176 2.03 -3.99 1.15
C THR B 176 1.91 -5.23 2.00
N TYR B 177 3.05 -5.86 2.23
CA TYR B 177 3.13 -7.09 3.00
C TYR B 177 2.94 -6.80 4.48
N GLU B 178 2.11 -7.61 5.13
CA GLU B 178 1.89 -7.49 6.56
C GLU B 178 2.39 -8.76 7.23
N ASN B 179 3.48 -8.60 7.95
CA ASN B 179 4.17 -9.67 8.71
C ASN B 179 4.53 -10.93 7.92
N VAL B 180 5.49 -10.79 7.05
CA VAL B 180 5.89 -11.84 6.16
C VAL B 180 7.40 -11.82 6.02
N GLN B 181 8.03 -12.91 6.46
CA GLN B 181 9.49 -13.00 6.41
C GLN B 181 9.95 -13.15 4.99
N PHE B 182 11.02 -12.47 4.61
CA PHE B 182 11.62 -12.66 3.28
C PHE B 182 12.38 -13.99 3.21
N ASP B 183 11.70 -14.96 2.61
CA ASP B 183 12.09 -16.36 2.54
C ASP B 183 11.62 -16.84 1.15
N SER B 184 12.56 -17.00 0.23
CA SER B 184 12.20 -16.99 -1.20
C SER B 184 12.08 -18.40 -1.74
N SER B 185 11.16 -18.58 -2.70
CA SER B 185 11.13 -19.73 -3.55
C SER B 185 12.46 -19.61 -4.32
N PHE B 186 13.03 -20.72 -4.84
CA PHE B 186 14.23 -20.54 -5.66
C PHE B 186 13.93 -20.13 -7.10
N LEU B 187 14.95 -19.50 -7.67
CA LEU B 187 15.00 -18.92 -8.99
C LEU B 187 16.09 -19.65 -9.75
N THR B 188 15.80 -20.06 -10.97
CA THR B 188 16.84 -20.71 -11.75
C THR B 188 16.86 -20.08 -13.11
N PHE B 189 18.07 -19.82 -13.58
CA PHE B 189 18.36 -19.22 -14.89
C PHE B 189 19.74 -19.70 -15.29
N SER B 190 20.19 -19.30 -16.47
CA SER B 190 21.54 -19.60 -16.97
C SER B 190 22.11 -18.34 -17.55
N TYR B 191 23.43 -18.29 -17.73
CA TYR B 191 24.12 -17.12 -18.29
C TYR B 191 25.38 -17.57 -19.07
N ILE B 192 25.82 -16.70 -19.97
CA ILE B 192 26.90 -16.99 -20.91
C ILE B 192 28.23 -16.73 -20.21
N ALA B 193 29.12 -17.70 -20.30
CA ALA B 193 30.39 -17.67 -19.60
C ALA B 193 31.50 -17.12 -20.45
N GLN B 194 32.49 -16.60 -19.77
CA GLN B 194 33.69 -16.00 -20.33
C GLN B 194 34.61 -17.15 -20.48
N GLU B 195 35.32 -17.36 -21.57
CA GLU B 195 36.25 -18.56 -21.58
C GLU B 195 35.45 -19.90 -21.27
#